data_9JBL
# 
_entry.id   9JBL 
# 
_audit_conform.dict_name       mmcif_pdbx.dic 
_audit_conform.dict_version    5.403 
_audit_conform.dict_location   http://mmcif.pdb.org/dictionaries/ascii/mmcif_pdbx.dic 
# 
loop_
_database_2.database_id 
_database_2.database_code 
_database_2.pdbx_database_accession 
_database_2.pdbx_DOI 
PDB   9JBL         pdb_00009jbl 10.2210/pdb9jbl/pdb 
WWPDB D_1300050799 ?            ?                   
# 
loop_
_pdbx_audit_revision_history.ordinal 
_pdbx_audit_revision_history.data_content_type 
_pdbx_audit_revision_history.major_revision 
_pdbx_audit_revision_history.minor_revision 
_pdbx_audit_revision_history.revision_date 
_pdbx_audit_revision_history.part_number 
1 'Structure model' 1 0 2025-04-09 ? 
2 'Structure model' 1 1 2025-04-16 ? 
# 
_pdbx_audit_revision_details.ordinal             1 
_pdbx_audit_revision_details.revision_ordinal    1 
_pdbx_audit_revision_details.data_content_type   'Structure model' 
_pdbx_audit_revision_details.provider            repository 
_pdbx_audit_revision_details.type                'Initial release' 
_pdbx_audit_revision_details.description         ? 
_pdbx_audit_revision_details.details             ? 
# 
_pdbx_audit_revision_group.ordinal             1 
_pdbx_audit_revision_group.revision_ordinal    2 
_pdbx_audit_revision_group.data_content_type   'Structure model' 
_pdbx_audit_revision_group.group               'Database references' 
# 
_pdbx_audit_revision_category.ordinal             1 
_pdbx_audit_revision_category.revision_ordinal    2 
_pdbx_audit_revision_category.data_content_type   'Structure model' 
_pdbx_audit_revision_category.category            citation 
# 
loop_
_pdbx_audit_revision_item.ordinal 
_pdbx_audit_revision_item.revision_ordinal 
_pdbx_audit_revision_item.data_content_type 
_pdbx_audit_revision_item.item 
1  2 'Structure model' '_citation.country'                 
2  2 'Structure model' '_citation.journal_abbrev'          
3  2 'Structure model' '_citation.journal_id_CSD'          
4  2 'Structure model' '_citation.journal_id_ISSN'         
5  2 'Structure model' '_citation.journal_volume'          
6  2 'Structure model' '_citation.page_first'              
7  2 'Structure model' '_citation.page_last'               
8  2 'Structure model' '_citation.pdbx_database_id_DOI'    
9  2 'Structure model' '_citation.pdbx_database_id_PubMed' 
10 2 'Structure model' '_citation.title'                   
11 2 'Structure model' '_citation.year'                    
# 
_pdbx_database_status.status_code                     REL 
_pdbx_database_status.status_code_sf                  REL 
_pdbx_database_status.status_code_mr                  ? 
_pdbx_database_status.entry_id                        9JBL 
_pdbx_database_status.recvd_initial_deposition_date   2024-08-27 
_pdbx_database_status.SG_entry                        N 
_pdbx_database_status.deposit_site                    PDBJ 
_pdbx_database_status.process_site                    PDBJ 
_pdbx_database_status.status_code_cs                  ? 
_pdbx_database_status.status_code_nmr_data            ? 
_pdbx_database_status.methods_development_category    ? 
_pdbx_database_status.pdb_format_compatible           N 
# 
_pdbx_contact_author.id                 2 
_pdbx_contact_author.email              ysohma@wakayama-med.ac.jp 
_pdbx_contact_author.name_first         Youhei 
_pdbx_contact_author.name_last          Sohma 
_pdbx_contact_author.name_mi            ? 
_pdbx_contact_author.role               'principal investigator/group leader' 
_pdbx_contact_author.identifier_ORCID   0000-0002-1154-3903 
# 
loop_
_audit_author.name 
_audit_author.pdbx_ordinal 
_audit_author.identifier_ORCID 
'Sawazaki, T.' 1 0000-0001-5650-998X 
'Murai, F.'    2 ?                   
'Yamamoto, K.' 3 ?                   
'Sasaki, D.'   4 0000-0002-2224-1900 
'Sohma, Y.'    5 0000-0002-1154-3903 
# 
_citation.abstract                  ? 
_citation.abstract_id_CAS           ? 
_citation.book_id_ISBN              ? 
_citation.book_publisher            ? 
_citation.book_publisher_city       ? 
_citation.book_title                ? 
_citation.coordinate_linkage        ? 
_citation.country                   UK 
_citation.database_id_Medline       ? 
_citation.details                   ? 
_citation.id                        primary 
_citation.journal_abbrev            'Nat Commun' 
_citation.journal_id_ASTM           ? 
_citation.journal_id_CSD            ? 
_citation.journal_id_ISSN           2041-1723 
_citation.journal_full              ? 
_citation.journal_issue             ? 
_citation.journal_volume            16 
_citation.language                  ? 
_citation.page_first                3164 
_citation.page_last                 3164 
_citation.title                     'Amyloid-reoriented enzyme catalysis.' 
_citation.year                      2025 
_citation.database_id_CSD           ? 
_citation.pdbx_database_id_DOI      10.1038/s41467-025-58536-5 
_citation.pdbx_database_id_PubMed   40175427 
_citation.pdbx_database_id_patent   ? 
_citation.unpublished_flag          ? 
# 
loop_
_citation_author.citation_id 
_citation_author.name 
_citation_author.ordinal 
_citation_author.identifier_ORCID 
primary 'Sawazaki, T.' 1 0000-0001-5650-998X 
primary 'Murai, F.'    2 ?                   
primary 'Yamamoto, K.' 3 ?                   
primary 'Sasaki, D.'   4 0000-0002-2224-1900 
primary 'Sohma, Y.'    5 0000-0002-1154-3903 
# 
_entity.id                         1 
_entity.type                       polymer 
_entity.src_method                 syn 
_entity.pdbx_description           'Amyloidogenic peptide' 
_entity.formula_weight             782.948 
_entity.pdbx_number_of_molecules   1 
_entity.pdbx_ec                    ? 
_entity.pdbx_mutation              ? 
_entity.pdbx_fragment              ? 
_entity.details                    'The sequence is based on NFGAIL from UNP P10997.' 
# 
_entity_poly.entity_id                      1 
_entity_poly.type                           'polypeptide(L)' 
_entity_poly.nstd_linkage                   no 
_entity_poly.nstd_monomer                   yes 
_entity_poly.pdbx_seq_one_letter_code       '(A1L4D)FAALL(NH2)' 
_entity_poly.pdbx_seq_one_letter_code_can   FFAALLX 
_entity_poly.pdbx_strand_id                 A 
_entity_poly.pdbx_target_identifier         ? 
# 
loop_
_entity_poly_seq.entity_id 
_entity_poly_seq.num 
_entity_poly_seq.mon_id 
_entity_poly_seq.hetero 
1 1 A1L4D n 
1 2 PHE   n 
1 3 ALA   n 
1 4 ALA   n 
1 5 LEU   n 
1 6 LEU   n 
1 7 NH2   n 
# 
_pdbx_entity_src_syn.entity_id              1 
_pdbx_entity_src_syn.pdbx_src_id            1 
_pdbx_entity_src_syn.pdbx_alt_source_flag   sample 
_pdbx_entity_src_syn.pdbx_beg_seq_num       1 
_pdbx_entity_src_syn.pdbx_end_seq_num       7 
_pdbx_entity_src_syn.organism_scientific    'Homo sapiens' 
_pdbx_entity_src_syn.organism_common_name   ? 
_pdbx_entity_src_syn.ncbi_taxonomy_id       9606 
_pdbx_entity_src_syn.details                ? 
# 
loop_
_chem_comp.id 
_chem_comp.type 
_chem_comp.mon_nstd_flag 
_chem_comp.name 
_chem_comp.pdbx_synonyms 
_chem_comp.formula 
_chem_comp.formula_weight 
A1L4D 'L-peptide linking' n '(2~{S})-2-benzamido-3-phenyl-propanoic acid' ? 'C16 H15 N O3' 269.295 
ALA   'L-peptide linking' y ALANINE                                       ? 'C3 H7 N O2'   89.093  
LEU   'L-peptide linking' y LEUCINE                                       ? 'C6 H13 N O2'  131.173 
NH2   non-polymer         . 'AMINO GROUP'                                 ? 'H2 N'         16.023  
PHE   'L-peptide linking' y PHENYLALANINE                                 ? 'C9 H11 N O2'  165.189 
# 
loop_
_pdbx_poly_seq_scheme.asym_id 
_pdbx_poly_seq_scheme.entity_id 
_pdbx_poly_seq_scheme.seq_id 
_pdbx_poly_seq_scheme.mon_id 
_pdbx_poly_seq_scheme.ndb_seq_num 
_pdbx_poly_seq_scheme.pdb_seq_num 
_pdbx_poly_seq_scheme.auth_seq_num 
_pdbx_poly_seq_scheme.pdb_mon_id 
_pdbx_poly_seq_scheme.auth_mon_id 
_pdbx_poly_seq_scheme.pdb_strand_id 
_pdbx_poly_seq_scheme.pdb_ins_code 
_pdbx_poly_seq_scheme.hetero 
A 1 1 A1L4D 1 1 1   A1L4D PHE A . n 
A 1 2 PHE   2 2 2   PHE   PHE A . n 
A 1 3 ALA   3 3 3   ALA   ALA A . n 
A 1 4 ALA   4 4 4   ALA   ALA A . n 
A 1 5 LEU   5 5 5   LEU   LEU A . n 
A 1 6 LEU   6 6 6   LEU   LEU A . n 
A 1 7 NH2   7 7 102 NH2   NH2 A . n 
# 
loop_
_pdbx_entity_instance_feature.ordinal 
_pdbx_entity_instance_feature.comp_id 
_pdbx_entity_instance_feature.asym_id 
_pdbx_entity_instance_feature.seq_num 
_pdbx_entity_instance_feature.auth_comp_id 
_pdbx_entity_instance_feature.auth_asym_id 
_pdbx_entity_instance_feature.auth_seq_num 
_pdbx_entity_instance_feature.feature_type 
_pdbx_entity_instance_feature.details 
1 A1L4D ? ? A1L4D ? ? 'SUBJECT OF INVESTIGATION' ? 
2 NH2   ? ? NH2   ? ? 'SUBJECT OF INVESTIGATION' ? 
# 
loop_
_software.citation_id 
_software.classification 
_software.compiler_name 
_software.compiler_version 
_software.contact_author 
_software.contact_author_email 
_software.date 
_software.description 
_software.dependencies 
_software.hardware 
_software.language 
_software.location 
_software.mods 
_software.name 
_software.os 
_software.os_version 
_software.type 
_software.version 
_software.pdbx_ordinal 
? 'data reduction' ? ? ? ? ? ? ? ? ? ? ? XDS    ? ? ? 'Jun 30, 2023  BUILT=20230630' 1 
? 'data scaling'   ? ? ? ? ? ? ? ? ? ? ? XDS    ? ? ? 'Jun 30, 2023  BUILT=20230630' 2 
? phasing          ? ? ? ? ? ? ? ? ? ? ? PHASER ? ? ? 2.8.3                          3 
? 'model building' ? ? ? ? ? ? ? ? ? ? ? Coot   ? ? ? 0.9.6                          4 
? refinement       ? ? ? ? ? ? ? ? ? ? ? REFMAC ? ? ? 5.8.0267                       5 
# 
_cell.angle_alpha                  90.00 
_cell.angle_alpha_esd              ? 
_cell.angle_beta                   99.24 
_cell.angle_beta_esd               ? 
_cell.angle_gamma                  90.00 
_cell.angle_gamma_esd              ? 
_cell.entry_id                     9JBL 
_cell.details                      ? 
_cell.formula_units_Z              ? 
_cell.length_a                     4.813 
_cell.length_a_esd                 ? 
_cell.length_b                     32.067 
_cell.length_b_esd                 ? 
_cell.length_c                     13.478 
_cell.length_c_esd                 ? 
_cell.volume                       ? 
_cell.volume_esd                   ? 
_cell.Z_PDB                        2 
_cell.reciprocal_angle_alpha       ? 
_cell.reciprocal_angle_beta        ? 
_cell.reciprocal_angle_gamma       ? 
_cell.reciprocal_angle_alpha_esd   ? 
_cell.reciprocal_angle_beta_esd    ? 
_cell.reciprocal_angle_gamma_esd   ? 
_cell.reciprocal_length_a          ? 
_cell.reciprocal_length_b          ? 
_cell.reciprocal_length_c          ? 
_cell.reciprocal_length_a_esd      ? 
_cell.reciprocal_length_b_esd      ? 
_cell.reciprocal_length_c_esd      ? 
_cell.pdbx_unique_axis             ? 
_cell.pdbx_esd_method              ? 
# 
_symmetry.entry_id                         9JBL 
_symmetry.cell_setting                     ? 
_symmetry.Int_Tables_number                4 
_symmetry.space_group_name_Hall            ? 
_symmetry.space_group_name_H-M             'P 1 21 1' 
_symmetry.pdbx_full_space_group_name_H-M   ? 
# 
_exptl.absorpt_coefficient_mu     ? 
_exptl.absorpt_correction_T_max   ? 
_exptl.absorpt_correction_T_min   ? 
_exptl.absorpt_correction_type    ? 
_exptl.absorpt_process_details    ? 
_exptl.entry_id                   9JBL 
_exptl.crystals_number            1 
_exptl.details                    ? 
_exptl.method                     'X-RAY DIFFRACTION' 
_exptl.method_details             ? 
# 
_exptl_crystal.colour                       ? 
_exptl_crystal.density_diffrn               ? 
_exptl_crystal.density_Matthews             1.52 
_exptl_crystal.density_method               ? 
_exptl_crystal.density_percent_sol          19.18 
_exptl_crystal.description                  Needle 
_exptl_crystal.F_000                        ? 
_exptl_crystal.id                           1 
_exptl_crystal.preparation                  ? 
_exptl_crystal.size_max                     ? 
_exptl_crystal.size_mid                     ? 
_exptl_crystal.size_min                     ? 
_exptl_crystal.size_rad                     ? 
_exptl_crystal.colour_lustre                ? 
_exptl_crystal.colour_modifier              ? 
_exptl_crystal.colour_primary               ? 
_exptl_crystal.density_meas                 ? 
_exptl_crystal.density_meas_esd             ? 
_exptl_crystal.density_meas_gt              ? 
_exptl_crystal.density_meas_lt              ? 
_exptl_crystal.density_meas_temp            ? 
_exptl_crystal.density_meas_temp_esd        ? 
_exptl_crystal.density_meas_temp_gt         ? 
_exptl_crystal.density_meas_temp_lt         ? 
_exptl_crystal.pdbx_crystal_image_url       ? 
_exptl_crystal.pdbx_crystal_image_format    ? 
_exptl_crystal.pdbx_mosaicity               ? 
_exptl_crystal.pdbx_mosaicity_esd           ? 
_exptl_crystal.pdbx_mosaic_method           ? 
_exptl_crystal.pdbx_mosaic_block_size       ? 
_exptl_crystal.pdbx_mosaic_block_size_esd   ? 
# 
_exptl_crystal_grow.apparatus       ? 
_exptl_crystal_grow.atmosphere      ? 
_exptl_crystal_grow.crystal_id      1 
_exptl_crystal_grow.details         ? 
_exptl_crystal_grow.method          EVAPORATION 
_exptl_crystal_grow.method_ref      ? 
_exptl_crystal_grow.pH              ? 
_exptl_crystal_grow.pressure        ? 
_exptl_crystal_grow.pressure_esd    ? 
_exptl_crystal_grow.seeding         ? 
_exptl_crystal_grow.seeding_ref     ? 
_exptl_crystal_grow.temp_details    ? 
_exptl_crystal_grow.temp_esd        ? 
_exptl_crystal_grow.time            ? 
_exptl_crystal_grow.pdbx_details    'Formic acid' 
_exptl_crystal_grow.pdbx_pH_range   2.0-3.0 
_exptl_crystal_grow.temp            298 
# 
_diffrn.ambient_environment              ? 
_diffrn.ambient_temp                     100 
_diffrn.ambient_temp_details             ? 
_diffrn.ambient_temp_esd                 ? 
_diffrn.crystal_id                       1 
_diffrn.crystal_support                  ? 
_diffrn.crystal_treatment                ? 
_diffrn.details                          ? 
_diffrn.id                               1 
_diffrn.ambient_pressure                 ? 
_diffrn.ambient_pressure_esd             ? 
_diffrn.ambient_pressure_gt              ? 
_diffrn.ambient_pressure_lt              ? 
_diffrn.ambient_temp_gt                  ? 
_diffrn.ambient_temp_lt                  ? 
_diffrn.pdbx_serial_crystal_experiment   N 
# 
_diffrn_detector.details                      ? 
_diffrn_detector.detector                     PIXEL 
_diffrn_detector.diffrn_id                    1 
_diffrn_detector.type                         'DECTRIS EIGER X 4M' 
_diffrn_detector.area_resol_mean              ? 
_diffrn_detector.dtime                        ? 
_diffrn_detector.pdbx_frames_total            ? 
_diffrn_detector.pdbx_collection_time_total   ? 
_diffrn_detector.pdbx_collection_date         2023-07-14 
_diffrn_detector.pdbx_frequency               ? 
_diffrn_detector.id                           ? 
_diffrn_detector.number_of_axes               ? 
# 
_diffrn_radiation.collimation                      ? 
_diffrn_radiation.diffrn_id                        1 
_diffrn_radiation.filter_edge                      ? 
_diffrn_radiation.inhomogeneity                    ? 
_diffrn_radiation.monochromator                    ? 
_diffrn_radiation.polarisn_norm                    ? 
_diffrn_radiation.polarisn_ratio                   ? 
_diffrn_radiation.probe                            ? 
_diffrn_radiation.type                             ? 
_diffrn_radiation.xray_symbol                      ? 
_diffrn_radiation.wavelength_id                    1 
_diffrn_radiation.pdbx_monochromatic_or_laue_m_l   M 
_diffrn_radiation.pdbx_wavelength_list             ? 
_diffrn_radiation.pdbx_wavelength                  ? 
_diffrn_radiation.pdbx_diffrn_protocol             'SINGLE WAVELENGTH' 
_diffrn_radiation.pdbx_analyzer                    ? 
_diffrn_radiation.pdbx_scattering_type             x-ray 
# 
_diffrn_radiation_wavelength.id           1 
_diffrn_radiation_wavelength.wavelength   1.000 
_diffrn_radiation_wavelength.wt           1.0 
# 
_diffrn_source.current                     ? 
_diffrn_source.details                     ? 
_diffrn_source.diffrn_id                   1 
_diffrn_source.power                       ? 
_diffrn_source.size                        ? 
_diffrn_source.source                      SYNCHROTRON 
_diffrn_source.target                      ? 
_diffrn_source.type                        'SPRING-8 BEAMLINE BL26B1' 
_diffrn_source.voltage                     ? 
_diffrn_source.take-off_angle              ? 
_diffrn_source.pdbx_wavelength_list        1.000 
_diffrn_source.pdbx_wavelength             ? 
_diffrn_source.pdbx_synchrotron_beamline   BL26B1 
_diffrn_source.pdbx_synchrotron_site       SPring-8 
# 
_reflns.B_iso_Wilson_estimate                          ? 
_reflns.entry_id                                       9JBL 
_reflns.data_reduction_details                         ? 
_reflns.data_reduction_method                          ? 
_reflns.d_resolution_high                              1.00 
_reflns.d_resolution_low                               32.07 
_reflns.details                                        ? 
_reflns.limit_h_max                                    ? 
_reflns.limit_h_min                                    ? 
_reflns.limit_k_max                                    ? 
_reflns.limit_k_min                                    ? 
_reflns.limit_l_max                                    ? 
_reflns.limit_l_min                                    ? 
_reflns.number_all                                     ? 
_reflns.number_obs                                     2196 
_reflns.observed_criterion                             ? 
_reflns.observed_criterion_F_max                       ? 
_reflns.observed_criterion_F_min                       ? 
_reflns.observed_criterion_I_max                       ? 
_reflns.observed_criterion_I_min                       ? 
_reflns.observed_criterion_sigma_F                     ? 
_reflns.observed_criterion_sigma_I                     ? 
_reflns.percent_possible_obs                           99.2 
_reflns.R_free_details                                 ? 
_reflns.Rmerge_F_all                                   ? 
_reflns.Rmerge_F_obs                                   ? 
_reflns.Friedel_coverage                               ? 
_reflns.number_gt                                      ? 
_reflns.threshold_expression                           ? 
_reflns.pdbx_redundancy                                6.3 
_reflns.pdbx_netI_over_av_sigmaI                       ? 
_reflns.pdbx_netI_over_sigmaI                          25.6 
_reflns.pdbx_res_netI_over_av_sigmaI_2                 ? 
_reflns.pdbx_res_netI_over_sigmaI_2                    ? 
_reflns.pdbx_chi_squared                               ? 
_reflns.pdbx_scaling_rejects                           ? 
_reflns.pdbx_d_res_high_opt                            ? 
_reflns.pdbx_d_res_low_opt                             ? 
_reflns.pdbx_d_res_opt_method                          ? 
_reflns.phase_calculation_details                      ? 
_reflns.pdbx_Rrim_I_all                                0.062 
_reflns.pdbx_Rpim_I_all                                0.033 
_reflns.pdbx_d_opt                                     ? 
_reflns.pdbx_number_measured_all                       ? 
_reflns.pdbx_diffrn_id                                 1 
_reflns.pdbx_ordinal                                   1 
_reflns.pdbx_CC_half                                   0.999 
_reflns.pdbx_CC_star                                   ? 
_reflns.pdbx_R_split                                   ? 
_reflns.pdbx_Rmerge_I_obs                              0.052 
_reflns.pdbx_Rmerge_I_all                              ? 
_reflns.pdbx_Rsym_value                                ? 
_reflns.pdbx_CC_split_method                           ? 
_reflns.pdbx_aniso_diffraction_limit_axis_1_ortho[1]   ? 
_reflns.pdbx_aniso_diffraction_limit_axis_1_ortho[2]   ? 
_reflns.pdbx_aniso_diffraction_limit_axis_1_ortho[3]   ? 
_reflns.pdbx_aniso_diffraction_limit_axis_2_ortho[1]   ? 
_reflns.pdbx_aniso_diffraction_limit_axis_2_ortho[2]   ? 
_reflns.pdbx_aniso_diffraction_limit_axis_2_ortho[3]   ? 
_reflns.pdbx_aniso_diffraction_limit_axis_3_ortho[1]   ? 
_reflns.pdbx_aniso_diffraction_limit_axis_3_ortho[2]   ? 
_reflns.pdbx_aniso_diffraction_limit_axis_3_ortho[3]   ? 
_reflns.pdbx_aniso_diffraction_limit_1                 ? 
_reflns.pdbx_aniso_diffraction_limit_2                 ? 
_reflns.pdbx_aniso_diffraction_limit_3                 ? 
_reflns.pdbx_aniso_B_tensor_eigenvector_1_ortho[1]     ? 
_reflns.pdbx_aniso_B_tensor_eigenvector_1_ortho[2]     ? 
_reflns.pdbx_aniso_B_tensor_eigenvector_1_ortho[3]     ? 
_reflns.pdbx_aniso_B_tensor_eigenvector_2_ortho[1]     ? 
_reflns.pdbx_aniso_B_tensor_eigenvector_2_ortho[2]     ? 
_reflns.pdbx_aniso_B_tensor_eigenvector_2_ortho[3]     ? 
_reflns.pdbx_aniso_B_tensor_eigenvector_3_ortho[1]     ? 
_reflns.pdbx_aniso_B_tensor_eigenvector_3_ortho[2]     ? 
_reflns.pdbx_aniso_B_tensor_eigenvector_3_ortho[3]     ? 
_reflns.pdbx_aniso_B_tensor_eigenvalue_1               ? 
_reflns.pdbx_aniso_B_tensor_eigenvalue_2               ? 
_reflns.pdbx_aniso_B_tensor_eigenvalue_3               ? 
_reflns.pdbx_orthogonalization_convention              ? 
_reflns.pdbx_percent_possible_ellipsoidal              ? 
_reflns.pdbx_percent_possible_spherical                ? 
_reflns.pdbx_percent_possible_ellipsoidal_anomalous    ? 
_reflns.pdbx_percent_possible_spherical_anomalous      ? 
_reflns.pdbx_redundancy_anomalous                      ? 
_reflns.pdbx_CC_half_anomalous                         ? 
_reflns.pdbx_absDiff_over_sigma_anomalous              ? 
_reflns.pdbx_percent_possible_anomalous                ? 
_reflns.pdbx_observed_signal_threshold                 ? 
_reflns.pdbx_signal_type                               ? 
_reflns.pdbx_signal_details                            ? 
_reflns.pdbx_signal_software_id                        ? 
# 
_reflns_shell.d_res_high                                    1.00 
_reflns_shell.d_res_low                                     1.05 
_reflns_shell.meanI_over_sigI_all                           ? 
_reflns_shell.meanI_over_sigI_obs                           ? 
_reflns_shell.number_measured_all                           ? 
_reflns_shell.number_measured_obs                           ? 
_reflns_shell.number_possible                               ? 
_reflns_shell.number_unique_all                             ? 
_reflns_shell.number_unique_obs                             303 
_reflns_shell.percent_possible_obs                          ? 
_reflns_shell.Rmerge_F_all                                  ? 
_reflns_shell.Rmerge_F_obs                                  ? 
_reflns_shell.meanI_over_sigI_gt                            ? 
_reflns_shell.meanI_over_uI_all                             ? 
_reflns_shell.meanI_over_uI_gt                              ? 
_reflns_shell.number_measured_gt                            ? 
_reflns_shell.number_unique_gt                              ? 
_reflns_shell.percent_possible_gt                           ? 
_reflns_shell.Rmerge_F_gt                                   ? 
_reflns_shell.Rmerge_I_gt                                   ? 
_reflns_shell.pdbx_redundancy                               5.3 
_reflns_shell.pdbx_chi_squared                              ? 
_reflns_shell.pdbx_netI_over_sigmaI_all                     ? 
_reflns_shell.pdbx_netI_over_sigmaI_obs                     ? 
_reflns_shell.pdbx_Rrim_I_all                               0.078 
_reflns_shell.pdbx_Rpim_I_all                               0.045 
_reflns_shell.pdbx_rejects                                  ? 
_reflns_shell.pdbx_ordinal                                  1 
_reflns_shell.pdbx_diffrn_id                                1 
_reflns_shell.pdbx_CC_half                                  0.995 
_reflns_shell.pdbx_CC_star                                  ? 
_reflns_shell.pdbx_R_split                                  ? 
_reflns_shell.percent_possible_all                          97.9 
_reflns_shell.Rmerge_I_all                                  ? 
_reflns_shell.Rmerge_I_obs                                  0.063 
_reflns_shell.pdbx_Rsym_value                               ? 
_reflns_shell.pdbx_percent_possible_ellipsoidal             ? 
_reflns_shell.pdbx_percent_possible_spherical               ? 
_reflns_shell.pdbx_percent_possible_ellipsoidal_anomalous   ? 
_reflns_shell.pdbx_percent_possible_spherical_anomalous     ? 
_reflns_shell.pdbx_redundancy_anomalous                     ? 
_reflns_shell.pdbx_CC_half_anomalous                        ? 
_reflns_shell.pdbx_absDiff_over_sigma_anomalous             ? 
_reflns_shell.pdbx_percent_possible_anomalous               ? 
# 
_refine.aniso_B[1][1]                            -0.41 
_refine.aniso_B[1][2]                            -0.00 
_refine.aniso_B[1][3]                            0.49 
_refine.aniso_B[2][2]                            0.07 
_refine.aniso_B[2][3]                            -0.00 
_refine.aniso_B[3][3]                            0.17 
_refine.B_iso_max                                ? 
_refine.B_iso_mean                               2.970 
_refine.B_iso_min                                ? 
_refine.correlation_coeff_Fo_to_Fc               0.998 
_refine.correlation_coeff_Fo_to_Fc_free          0.999 
_refine.details                                  ? 
_refine.diff_density_max                         ? 
_refine.diff_density_max_esd                     ? 
_refine.diff_density_min                         ? 
_refine.diff_density_min_esd                     ? 
_refine.diff_density_rms                         ? 
_refine.diff_density_rms_esd                     ? 
_refine.entry_id                                 9JBL 
_refine.pdbx_refine_id                           'X-RAY DIFFRACTION' 
_refine.ls_abs_structure_details                 ? 
_refine.ls_abs_structure_Flack                   ? 
_refine.ls_abs_structure_Flack_esd               ? 
_refine.ls_abs_structure_Rogers                  ? 
_refine.ls_abs_structure_Rogers_esd              ? 
_refine.ls_d_res_high                            1.00 
_refine.ls_d_res_low                             16.03 
_refine.ls_extinction_coef                       ? 
_refine.ls_extinction_coef_esd                   ? 
_refine.ls_extinction_expression                 ? 
_refine.ls_extinction_method                     ? 
_refine.ls_goodness_of_fit_all                   ? 
_refine.ls_goodness_of_fit_all_esd               ? 
_refine.ls_goodness_of_fit_obs                   ? 
_refine.ls_goodness_of_fit_obs_esd               ? 
_refine.ls_hydrogen_treatment                    ? 
_refine.ls_matrix_type                           ? 
_refine.ls_number_constraints                    ? 
_refine.ls_number_parameters                     ? 
_refine.ls_number_reflns_all                     ? 
_refine.ls_number_reflns_obs                     2055 
_refine.ls_number_reflns_R_free                  125 
_refine.ls_number_reflns_R_work                  ? 
_refine.ls_number_restraints                     ? 
_refine.ls_percent_reflns_obs                    99.09 
_refine.ls_percent_reflns_R_free                 5.7 
_refine.ls_R_factor_all                          ? 
_refine.ls_R_factor_obs                          0.03653 
_refine.ls_R_factor_R_free                       0.04439 
_refine.ls_R_factor_R_free_error                 ? 
_refine.ls_R_factor_R_free_error_details         ? 
_refine.ls_R_factor_R_work                       0.03602 
_refine.ls_R_Fsqd_factor_obs                     ? 
_refine.ls_R_I_factor_obs                        ? 
_refine.ls_redundancy_reflns_all                 ? 
_refine.ls_redundancy_reflns_obs                 ? 
_refine.ls_restrained_S_all                      ? 
_refine.ls_restrained_S_obs                      ? 
_refine.ls_shift_over_esd_max                    ? 
_refine.ls_shift_over_esd_mean                   ? 
_refine.ls_structure_factor_coef                 ? 
_refine.ls_weighting_details                     ? 
_refine.ls_weighting_scheme                      ? 
_refine.ls_wR_factor_all                         ? 
_refine.ls_wR_factor_obs                         ? 
_refine.ls_wR_factor_R_free                      ? 
_refine.ls_wR_factor_R_work                      ? 
_refine.occupancy_max                            ? 
_refine.occupancy_min                            ? 
_refine.solvent_model_details                    MASK 
_refine.solvent_model_param_bsol                 ? 
_refine.solvent_model_param_ksol                 ? 
_refine.pdbx_R_complete                          ? 
_refine.ls_R_factor_gt                           ? 
_refine.ls_goodness_of_fit_gt                    ? 
_refine.ls_goodness_of_fit_ref                   ? 
_refine.ls_shift_over_su_max                     ? 
_refine.ls_shift_over_su_max_lt                  ? 
_refine.ls_shift_over_su_mean                    ? 
_refine.ls_shift_over_su_mean_lt                 ? 
_refine.pdbx_ls_sigma_I                          ? 
_refine.pdbx_ls_sigma_F                          ? 
_refine.pdbx_ls_sigma_Fsqd                       ? 
_refine.pdbx_data_cutoff_high_absF               ? 
_refine.pdbx_data_cutoff_high_rms_absF           ? 
_refine.pdbx_data_cutoff_low_absF                ? 
_refine.pdbx_isotropic_thermal_model             ? 
_refine.pdbx_ls_cross_valid_method               THROUGHOUT 
_refine.pdbx_method_to_determine_struct          'MOLECULAR REPLACEMENT' 
_refine.pdbx_starting_model                      ? 
_refine.pdbx_stereochemistry_target_values       'MAXIMUM LIKELIHOOD' 
_refine.pdbx_R_Free_selection_details            RANDOM 
_refine.pdbx_stereochem_target_val_spec_case     ? 
_refine.pdbx_overall_ESU_R                       0.007 
_refine.pdbx_overall_ESU_R_Free                  0.008 
_refine.pdbx_solvent_vdw_probe_radii             1.20 
_refine.pdbx_solvent_ion_probe_radii             0.80 
_refine.pdbx_solvent_shrinkage_radii             0.80 
_refine.pdbx_real_space_R                        ? 
_refine.pdbx_density_correlation                 ? 
_refine.pdbx_pd_number_of_powder_patterns        ? 
_refine.pdbx_pd_number_of_points                 ? 
_refine.pdbx_pd_meas_number_of_points            ? 
_refine.pdbx_pd_proc_ls_prof_R_factor            ? 
_refine.pdbx_pd_proc_ls_prof_wR_factor           ? 
_refine.pdbx_pd_Marquardt_correlation_coeff      ? 
_refine.pdbx_pd_Fsqrd_R_factor                   ? 
_refine.pdbx_pd_ls_matrix_band_width             ? 
_refine.pdbx_overall_phase_error                 ? 
_refine.pdbx_overall_SU_R_free_Cruickshank_DPI   ? 
_refine.pdbx_overall_SU_R_free_Blow_DPI          ? 
_refine.pdbx_overall_SU_R_Blow_DPI               ? 
_refine.pdbx_TLS_residual_ADP_flag               ? 
_refine.pdbx_diffrn_id                           1 
_refine.overall_SU_B                             0.196 
_refine.overall_SU_ML                            0.005 
_refine.overall_SU_R_Cruickshank_DPI             ? 
_refine.overall_SU_R_free                        ? 
_refine.overall_FOM_free_R_set                   ? 
_refine.overall_FOM_work_R_set                   ? 
_refine.pdbx_average_fsc_overall                 ? 
_refine.pdbx_average_fsc_work                    ? 
_refine.pdbx_average_fsc_free                    ? 
# 
_refine_hist.pdbx_refine_id                   'X-RAY DIFFRACTION' 
_refine_hist.cycle_id                         1 
_refine_hist.details                          ? 
_refine_hist.d_res_high                       1.00 
_refine_hist.d_res_low                        16.03 
_refine_hist.number_atoms_solvent             0 
_refine_hist.number_atoms_total               57 
_refine_hist.number_reflns_all                ? 
_refine_hist.number_reflns_obs                ? 
_refine_hist.number_reflns_R_free             ? 
_refine_hist.number_reflns_R_work             ? 
_refine_hist.R_factor_all                     ? 
_refine_hist.R_factor_obs                     ? 
_refine_hist.R_factor_R_free                  ? 
_refine_hist.R_factor_R_work                  ? 
_refine_hist.pdbx_number_residues_total       ? 
_refine_hist.pdbx_B_iso_mean_ligand           ? 
_refine_hist.pdbx_B_iso_mean_solvent          ? 
_refine_hist.pdbx_number_atoms_protein        49 
_refine_hist.pdbx_number_atoms_nucleic_acid   0 
_refine_hist.pdbx_number_atoms_ligand         8 
_refine_hist.pdbx_number_atoms_lipid          ? 
_refine_hist.pdbx_number_atoms_carb           ? 
_refine_hist.pdbx_pseudo_atom_details         ? 
# 
loop_
_refine_ls_restr.pdbx_refine_id 
_refine_ls_restr.criterion 
_refine_ls_restr.dev_ideal 
_refine_ls_restr.dev_ideal_target 
_refine_ls_restr.number 
_refine_ls_restr.rejects 
_refine_ls_restr.type 
_refine_ls_restr.weight 
_refine_ls_restr.pdbx_restraint_function 
'X-RAY DIFFRACTION' ? 0.013 0.012  59  ? r_bond_refined_d             ? ? 
'X-RAY DIFFRACTION' ? 0.002 0.017  57  ? r_bond_other_d               ? ? 
'X-RAY DIFFRACTION' ? 1.555 1.567  79  ? r_angle_refined_deg          ? ? 
'X-RAY DIFFRACTION' ? 1.322 1.563  125 ? r_angle_other_deg            ? ? 
'X-RAY DIFFRACTION' ? 4.421 5.000  5   ? r_dihedral_angle_1_deg       ? ? 
'X-RAY DIFFRACTION' ? 9.520 20.000 2   ? r_dihedral_angle_2_deg       ? ? 
'X-RAY DIFFRACTION' ? 7.779 15.000 6   ? r_dihedral_angle_3_deg       ? ? 
'X-RAY DIFFRACTION' ? ?     ?      ?   ? r_dihedral_angle_4_deg       ? ? 
'X-RAY DIFFRACTION' ? 0.063 0.200  6   ? r_chiral_restr               ? ? 
'X-RAY DIFFRACTION' ? 0.008 0.020  67  ? r_gen_planes_refined         ? ? 
'X-RAY DIFFRACTION' ? 0.001 0.020  21  ? r_gen_planes_other           ? ? 
'X-RAY DIFFRACTION' ? ?     ?      ?   ? r_nbd_refined                ? ? 
'X-RAY DIFFRACTION' ? ?     ?      ?   ? r_nbd_other                  ? ? 
'X-RAY DIFFRACTION' ? ?     ?      ?   ? r_nbtor_refined              ? ? 
'X-RAY DIFFRACTION' ? ?     ?      ?   ? r_nbtor_other                ? ? 
'X-RAY DIFFRACTION' ? ?     ?      ?   ? r_xyhbond_nbd_refined        ? ? 
'X-RAY DIFFRACTION' ? ?     ?      ?   ? r_xyhbond_nbd_other          ? ? 
'X-RAY DIFFRACTION' ? ?     ?      ?   ? r_metal_ion_refined          ? ? 
'X-RAY DIFFRACTION' ? ?     ?      ?   ? r_metal_ion_other            ? ? 
'X-RAY DIFFRACTION' ? ?     ?      ?   ? r_symmetry_vdw_refined       ? ? 
'X-RAY DIFFRACTION' ? ?     ?      ?   ? r_symmetry_vdw_other         ? ? 
'X-RAY DIFFRACTION' ? ?     ?      ?   ? r_symmetry_hbond_refined     ? ? 
'X-RAY DIFFRACTION' ? ?     ?      ?   ? r_symmetry_hbond_other       ? ? 
'X-RAY DIFFRACTION' ? ?     ?      ?   ? r_symmetry_metal_ion_refined ? ? 
'X-RAY DIFFRACTION' ? ?     ?      ?   ? r_symmetry_metal_ion_other   ? ? 
'X-RAY DIFFRACTION' ? 0.506 0.220  24  ? r_mcbond_it                  ? ? 
'X-RAY DIFFRACTION' ? 0.482 0.214  22  ? r_mcbond_other               ? ? 
'X-RAY DIFFRACTION' ? 0.500 0.334  28  ? r_mcangle_it                 ? ? 
'X-RAY DIFFRACTION' ? 0.497 0.329  28  ? r_mcangle_other              ? ? 
'X-RAY DIFFRACTION' ? 0.474 0.332  35  ? r_scbond_it                  ? ? 
'X-RAY DIFFRACTION' ? 0.469 0.331  36  ? r_scbond_other               ? ? 
'X-RAY DIFFRACTION' ? ?     ?      ?   ? r_scangle_it                 ? ? 
'X-RAY DIFFRACTION' ? 0.559 ?      51  ? r_scangle_other              ? ? 
'X-RAY DIFFRACTION' ? 0.641 2.842  51  ? r_long_range_B_refined       ? ? 
'X-RAY DIFFRACTION' ? 0.636 2.829  52  ? r_long_range_B_other         ? ? 
'X-RAY DIFFRACTION' ? 5.399 3.000  115 ? r_rigid_bond_restr           ? ? 
'X-RAY DIFFRACTION' ? ?     ?      ?   ? r_sphericity_free            ? ? 
'X-RAY DIFFRACTION' ? ?     ?      ?   ? r_sphericity_bonded          ? ? 
# 
_refine_ls_shell.pdbx_refine_id                   'X-RAY DIFFRACTION' 
_refine_ls_shell.d_res_high                       1.000 
_refine_ls_shell.d_res_low                        1.026 
_refine_ls_shell.number_reflns_all                ? 
_refine_ls_shell.number_reflns_obs                ? 
_refine_ls_shell.number_reflns_R_free             6 
_refine_ls_shell.number_reflns_R_work             146 
_refine_ls_shell.percent_reflns_obs               95.60 
_refine_ls_shell.percent_reflns_R_free            ? 
_refine_ls_shell.R_factor_all                     ? 
_refine_ls_shell.R_factor_obs                     ? 
_refine_ls_shell.R_factor_R_free_error            ? 
_refine_ls_shell.R_factor_R_work                  0.045 
_refine_ls_shell.redundancy_reflns_all            ? 
_refine_ls_shell.redundancy_reflns_obs            ? 
_refine_ls_shell.wR_factor_all                    ? 
_refine_ls_shell.wR_factor_obs                    ? 
_refine_ls_shell.wR_factor_R_free                 ? 
_refine_ls_shell.wR_factor_R_work                 ? 
_refine_ls_shell.pdbx_R_complete                  ? 
_refine_ls_shell.pdbx_total_number_of_bins_used   20 
_refine_ls_shell.pdbx_phase_error                 ? 
_refine_ls_shell.pdbx_fsc_work                    ? 
_refine_ls_shell.pdbx_fsc_free                    ? 
_refine_ls_shell.R_factor_R_free                  0.033 
# 
_struct.entry_id                     9JBL 
_struct.title                        'Crystal structure of amyloidogenic peptide Bz-FFAALL-NH2' 
_struct.pdbx_model_details           ? 
_struct.pdbx_formula_weight          ? 
_struct.pdbx_formula_weight_method   ? 
_struct.pdbx_model_type_details      ? 
_struct.pdbx_CASP_flag               N 
# 
_struct_keywords.entry_id        9JBL 
_struct_keywords.text            'Amyloid, Amyloid-reoriented enzyme catalysis, PROTEIN FIBRIL' 
_struct_keywords.pdbx_keywords   'PROTEIN FIBRIL' 
# 
_struct_asym.id                            A 
_struct_asym.pdbx_blank_PDB_chainid_flag   N 
_struct_asym.pdbx_modified                 N 
_struct_asym.entity_id                     1 
_struct_asym.details                       ? 
# 
_struct_ref.id                         1 
_struct_ref.db_name                    PDB 
_struct_ref.db_code                    9JBL 
_struct_ref.pdbx_db_accession          9JBL 
_struct_ref.pdbx_db_isoform            ? 
_struct_ref.entity_id                  1 
_struct_ref.pdbx_seq_one_letter_code   ? 
_struct_ref.pdbx_align_begin           1 
# 
_struct_ref_seq.align_id                      1 
_struct_ref_seq.ref_id                        1 
_struct_ref_seq.pdbx_PDB_id_code              9JBL 
_struct_ref_seq.pdbx_strand_id                A 
_struct_ref_seq.seq_align_beg                 1 
_struct_ref_seq.pdbx_seq_align_beg_ins_code   ? 
_struct_ref_seq.seq_align_end                 7 
_struct_ref_seq.pdbx_seq_align_end_ins_code   ? 
_struct_ref_seq.pdbx_db_accession             9JBL 
_struct_ref_seq.db_align_beg                  1 
_struct_ref_seq.pdbx_db_align_beg_ins_code    ? 
_struct_ref_seq.db_align_end                  7 
_struct_ref_seq.pdbx_db_align_end_ins_code    ? 
_struct_ref_seq.pdbx_auth_seq_align_beg       1 
_struct_ref_seq.pdbx_auth_seq_align_end       7 
# 
_pdbx_struct_assembly.id                   1 
_pdbx_struct_assembly.details              author_defined_assembly 
_pdbx_struct_assembly.method_details       ? 
_pdbx_struct_assembly.oligomeric_details   monomeric 
_pdbx_struct_assembly.oligomeric_count     1 
# 
_pdbx_struct_assembly_gen.assembly_id       1 
_pdbx_struct_assembly_gen.oper_expression   1 
_pdbx_struct_assembly_gen.asym_id_list      A 
# 
_pdbx_struct_assembly_auth_evidence.id                     1 
_pdbx_struct_assembly_auth_evidence.assembly_id            1 
_pdbx_struct_assembly_auth_evidence.experimental_support   none 
_pdbx_struct_assembly_auth_evidence.details                ? 
# 
_pdbx_struct_oper_list.id                   1 
_pdbx_struct_oper_list.type                 'identity operation' 
_pdbx_struct_oper_list.name                 1_555 
_pdbx_struct_oper_list.symmetry_operation   x,y,z 
_pdbx_struct_oper_list.matrix[1][1]         1.0000000000 
_pdbx_struct_oper_list.matrix[1][2]         0.0000000000 
_pdbx_struct_oper_list.matrix[1][3]         0.0000000000 
_pdbx_struct_oper_list.vector[1]            0.0000000000 
_pdbx_struct_oper_list.matrix[2][1]         0.0000000000 
_pdbx_struct_oper_list.matrix[2][2]         1.0000000000 
_pdbx_struct_oper_list.matrix[2][3]         0.0000000000 
_pdbx_struct_oper_list.vector[2]            0.0000000000 
_pdbx_struct_oper_list.matrix[3][1]         0.0000000000 
_pdbx_struct_oper_list.matrix[3][2]         0.0000000000 
_pdbx_struct_oper_list.matrix[3][3]         1.0000000000 
_pdbx_struct_oper_list.vector[3]            0.0000000000 
# 
loop_
_struct_conn.id 
_struct_conn.conn_type_id 
_struct_conn.pdbx_leaving_atom_flag 
_struct_conn.pdbx_PDB_id 
_struct_conn.ptnr1_label_asym_id 
_struct_conn.ptnr1_label_comp_id 
_struct_conn.ptnr1_label_seq_id 
_struct_conn.ptnr1_label_atom_id 
_struct_conn.pdbx_ptnr1_label_alt_id 
_struct_conn.pdbx_ptnr1_PDB_ins_code 
_struct_conn.pdbx_ptnr1_standard_comp_id 
_struct_conn.ptnr1_symmetry 
_struct_conn.ptnr2_label_asym_id 
_struct_conn.ptnr2_label_comp_id 
_struct_conn.ptnr2_label_seq_id 
_struct_conn.ptnr2_label_atom_id 
_struct_conn.pdbx_ptnr2_label_alt_id 
_struct_conn.pdbx_ptnr2_PDB_ins_code 
_struct_conn.ptnr1_auth_asym_id 
_struct_conn.ptnr1_auth_comp_id 
_struct_conn.ptnr1_auth_seq_id 
_struct_conn.ptnr2_auth_asym_id 
_struct_conn.ptnr2_auth_comp_id 
_struct_conn.ptnr2_auth_seq_id 
_struct_conn.ptnr2_symmetry 
_struct_conn.pdbx_ptnr3_label_atom_id 
_struct_conn.pdbx_ptnr3_label_seq_id 
_struct_conn.pdbx_ptnr3_label_comp_id 
_struct_conn.pdbx_ptnr3_label_asym_id 
_struct_conn.pdbx_ptnr3_label_alt_id 
_struct_conn.pdbx_ptnr3_PDB_ins_code 
_struct_conn.details 
_struct_conn.pdbx_dist_value 
_struct_conn.pdbx_value_order 
_struct_conn.pdbx_role 
covale1 covale both ? A A1L4D 1 C ? ? ? 1_555 A PHE 2 N ? ? A A1L4D 1 A PHE 2 1_555 ? ? ? ? ? ? ? 1.324 ? ? 
covale2 covale both ? A LEU   6 C ? ? ? 1_555 A NH2 7 N ? ? A LEU   6 A NH2 7 1_555 ? ? ? ? ? ? ? 1.319 ? ? 
# 
_struct_conn_type.id          covale 
_struct_conn_type.criteria    ? 
_struct_conn_type.reference   ? 
# 
loop_
_pdbx_modification_feature.ordinal 
_pdbx_modification_feature.label_comp_id 
_pdbx_modification_feature.label_asym_id 
_pdbx_modification_feature.label_seq_id 
_pdbx_modification_feature.label_alt_id 
_pdbx_modification_feature.modified_residue_label_comp_id 
_pdbx_modification_feature.modified_residue_label_asym_id 
_pdbx_modification_feature.modified_residue_label_seq_id 
_pdbx_modification_feature.modified_residue_label_alt_id 
_pdbx_modification_feature.auth_comp_id 
_pdbx_modification_feature.auth_asym_id 
_pdbx_modification_feature.auth_seq_id 
_pdbx_modification_feature.PDB_ins_code 
_pdbx_modification_feature.symmetry 
_pdbx_modification_feature.modified_residue_auth_comp_id 
_pdbx_modification_feature.modified_residue_auth_asym_id 
_pdbx_modification_feature.modified_residue_auth_seq_id 
_pdbx_modification_feature.modified_residue_PDB_ins_code 
_pdbx_modification_feature.modified_residue_symmetry 
_pdbx_modification_feature.comp_id_linking_atom 
_pdbx_modification_feature.modified_residue_id_linking_atom 
_pdbx_modification_feature.modified_residue_id 
_pdbx_modification_feature.ref_pcm_id 
_pdbx_modification_feature.ref_comp_id 
_pdbx_modification_feature.type 
_pdbx_modification_feature.category 
1 A1L4D A 1 ? .   . . . A1L4D A 1 ? 1_555 .   . . . .     . . PHE 1  A1L4D Benzoylation 'Named protein modification' 
2 NH2   A 7 ? LEU A 6 ? NH2   A 7 ? 1_555 LEU A 6 ? 1_555 . . LEU 14 NH2   None         'Terminal amidation'         
# 
_pdbx_entry_details.entry_id                   9JBL 
_pdbx_entry_details.has_ligand_of_interest     Y 
_pdbx_entry_details.compound_details           ? 
_pdbx_entry_details.source_details             ? 
_pdbx_entry_details.nonpolymer_details         ? 
_pdbx_entry_details.sequence_details           ? 
_pdbx_entry_details.has_protein_modification   Y 
# 
loop_
_chem_comp_atom.comp_id 
_chem_comp_atom.atom_id 
_chem_comp_atom.type_symbol 
_chem_comp_atom.pdbx_aromatic_flag 
_chem_comp_atom.pdbx_stereo_config 
_chem_comp_atom.pdbx_ordinal 
A1L4D C    C N N 1  
A1L4D O    O N N 2  
A1L4D CA   C N S 3  
A1L4D CB   C N N 4  
A1L4D CG   C Y N 5  
A1L4D CD1  C Y N 6  
A1L4D CE1  C Y N 7  
A1L4D CZ   C Y N 8  
A1L4D CE2  C Y N 9  
A1L4D CD2  C Y N 10 
A1L4D N    N N N 11 
A1L4D C10  C N N 12 
A1L4D O4   O N N 13 
A1L4D C11  C Y N 14 
A1L4D C12  C Y N 15 
A1L4D C13  C Y N 16 
A1L4D C14  C Y N 17 
A1L4D C15  C Y N 18 
A1L4D C16  C Y N 19 
A1L4D HA   H N N 20 
A1L4D HB2  H N N 21 
A1L4D HB3  H N N 22 
A1L4D HD1  H N N 23 
A1L4D HE1  H N N 24 
A1L4D HZ   H N N 25 
A1L4D HE2  H N N 26 
A1L4D HD2  H N N 27 
A1L4D H    H N N 28 
A1L4D H11  H N N 29 
A1L4D H12  H N N 30 
A1L4D H13  H N N 31 
A1L4D H14  H N N 32 
A1L4D H15  H N N 33 
A1L4D OXT  O N N 34 
A1L4D HXT  H N N 35 
ALA   N    N N N 36 
ALA   CA   C N S 37 
ALA   C    C N N 38 
ALA   O    O N N 39 
ALA   CB   C N N 40 
ALA   OXT  O N N 41 
ALA   H    H N N 42 
ALA   H2   H N N 43 
ALA   HA   H N N 44 
ALA   HB1  H N N 45 
ALA   HB2  H N N 46 
ALA   HB3  H N N 47 
ALA   HXT  H N N 48 
LEU   N    N N N 49 
LEU   CA   C N S 50 
LEU   C    C N N 51 
LEU   O    O N N 52 
LEU   CB   C N N 53 
LEU   CG   C N N 54 
LEU   CD1  C N N 55 
LEU   CD2  C N N 56 
LEU   OXT  O N N 57 
LEU   H    H N N 58 
LEU   H2   H N N 59 
LEU   HA   H N N 60 
LEU   HB2  H N N 61 
LEU   HB3  H N N 62 
LEU   HG   H N N 63 
LEU   HD11 H N N 64 
LEU   HD12 H N N 65 
LEU   HD13 H N N 66 
LEU   HD21 H N N 67 
LEU   HD22 H N N 68 
LEU   HD23 H N N 69 
LEU   HXT  H N N 70 
NH2   N    N N N 71 
NH2   HN1  H N N 72 
NH2   HN2  H N N 73 
PHE   N    N N N 74 
PHE   CA   C N S 75 
PHE   C    C N N 76 
PHE   O    O N N 77 
PHE   CB   C N N 78 
PHE   CG   C Y N 79 
PHE   CD1  C Y N 80 
PHE   CD2  C Y N 81 
PHE   CE1  C Y N 82 
PHE   CE2  C Y N 83 
PHE   CZ   C Y N 84 
PHE   OXT  O N N 85 
PHE   H    H N N 86 
PHE   H2   H N N 87 
PHE   HA   H N N 88 
PHE   HB2  H N N 89 
PHE   HB3  H N N 90 
PHE   HD1  H N N 91 
PHE   HD2  H N N 92 
PHE   HE1  H N N 93 
PHE   HE2  H N N 94 
PHE   HZ   H N N 95 
PHE   HXT  H N N 96 
# 
loop_
_chem_comp_bond.comp_id 
_chem_comp_bond.atom_id_1 
_chem_comp_bond.atom_id_2 
_chem_comp_bond.value_order 
_chem_comp_bond.pdbx_aromatic_flag 
_chem_comp_bond.pdbx_stereo_config 
_chem_comp_bond.pdbx_ordinal 
A1L4D C13 C12  doub Y N 1  
A1L4D C13 C14  sing Y N 2  
A1L4D CE2 CD2  doub Y N 3  
A1L4D CE2 CZ   sing Y N 4  
A1L4D CD2 CG   sing Y N 5  
A1L4D C12 C11  sing Y N 6  
A1L4D C14 C15  doub Y N 7  
A1L4D CB  CG   sing N N 8  
A1L4D CB  CA   sing N N 9  
A1L4D CG  CD1  doub Y N 10 
A1L4D CZ  CE1  doub Y N 11 
A1L4D C11 C10  sing N N 12 
A1L4D C11 C16  doub Y N 13 
A1L4D O4  C10  doub N N 14 
A1L4D C10 N    sing N N 15 
A1L4D C15 C16  sing Y N 16 
A1L4D CD1 CE1  sing Y N 17 
A1L4D N   CA   sing N N 18 
A1L4D CA  C    sing N N 19 
A1L4D C   O    doub N N 20 
A1L4D CA  HA   sing N N 21 
A1L4D CB  HB2  sing N N 22 
A1L4D CB  HB3  sing N N 23 
A1L4D CD1 HD1  sing N N 24 
A1L4D CE1 HE1  sing N N 25 
A1L4D CZ  HZ   sing N N 26 
A1L4D CE2 HE2  sing N N 27 
A1L4D CD2 HD2  sing N N 28 
A1L4D N   H    sing N N 29 
A1L4D C12 H11  sing N N 30 
A1L4D C13 H12  sing N N 31 
A1L4D C14 H13  sing N N 32 
A1L4D C15 H14  sing N N 33 
A1L4D C16 H15  sing N N 34 
A1L4D C   OXT  sing N N 35 
A1L4D OXT HXT  sing N N 36 
ALA   N   CA   sing N N 37 
ALA   N   H    sing N N 38 
ALA   N   H2   sing N N 39 
ALA   CA  C    sing N N 40 
ALA   CA  CB   sing N N 41 
ALA   CA  HA   sing N N 42 
ALA   C   O    doub N N 43 
ALA   C   OXT  sing N N 44 
ALA   CB  HB1  sing N N 45 
ALA   CB  HB2  sing N N 46 
ALA   CB  HB3  sing N N 47 
ALA   OXT HXT  sing N N 48 
LEU   N   CA   sing N N 49 
LEU   N   H    sing N N 50 
LEU   N   H2   sing N N 51 
LEU   CA  C    sing N N 52 
LEU   CA  CB   sing N N 53 
LEU   CA  HA   sing N N 54 
LEU   C   O    doub N N 55 
LEU   C   OXT  sing N N 56 
LEU   CB  CG   sing N N 57 
LEU   CB  HB2  sing N N 58 
LEU   CB  HB3  sing N N 59 
LEU   CG  CD1  sing N N 60 
LEU   CG  CD2  sing N N 61 
LEU   CG  HG   sing N N 62 
LEU   CD1 HD11 sing N N 63 
LEU   CD1 HD12 sing N N 64 
LEU   CD1 HD13 sing N N 65 
LEU   CD2 HD21 sing N N 66 
LEU   CD2 HD22 sing N N 67 
LEU   CD2 HD23 sing N N 68 
LEU   OXT HXT  sing N N 69 
NH2   N   HN1  sing N N 70 
NH2   N   HN2  sing N N 71 
PHE   N   CA   sing N N 72 
PHE   N   H    sing N N 73 
PHE   N   H2   sing N N 74 
PHE   CA  C    sing N N 75 
PHE   CA  CB   sing N N 76 
PHE   CA  HA   sing N N 77 
PHE   C   O    doub N N 78 
PHE   C   OXT  sing N N 79 
PHE   CB  CG   sing N N 80 
PHE   CB  HB2  sing N N 81 
PHE   CB  HB3  sing N N 82 
PHE   CG  CD1  doub Y N 83 
PHE   CG  CD2  sing Y N 84 
PHE   CD1 CE1  sing Y N 85 
PHE   CD1 HD1  sing N N 86 
PHE   CD2 CE2  doub Y N 87 
PHE   CD2 HD2  sing N N 88 
PHE   CE1 CZ   doub Y N 89 
PHE   CE1 HE1  sing N N 90 
PHE   CE2 CZ   sing Y N 91 
PHE   CE2 HE2  sing N N 92 
PHE   CZ  HZ   sing N N 93 
PHE   OXT HXT  sing N N 94 
# 
_pdbx_audit_support.funding_organization   'Japan Agency for Medical Research and Development (AMED)' 
_pdbx_audit_support.country                Japan 
_pdbx_audit_support.grant_number           JP23ama121001 
_pdbx_audit_support.ordinal                1 
# 
_pdbx_initial_refinement_model.id               1 
_pdbx_initial_refinement_model.entity_id_list   ? 
_pdbx_initial_refinement_model.type             'experimental model' 
_pdbx_initial_refinement_model.source_name      PDB 
_pdbx_initial_refinement_model.accession_code   7N8R 
_pdbx_initial_refinement_model.details          'Polyalanine model' 
# 
_atom_sites.entry_id                    9JBL 
_atom_sites.Cartn_transf_matrix[1][1]   ? 
_atom_sites.Cartn_transf_matrix[1][2]   ? 
_atom_sites.Cartn_transf_matrix[1][3]   ? 
_atom_sites.Cartn_transf_matrix[2][1]   ? 
_atom_sites.Cartn_transf_matrix[2][2]   ? 
_atom_sites.Cartn_transf_matrix[2][3]   ? 
_atom_sites.Cartn_transf_matrix[3][1]   ? 
_atom_sites.Cartn_transf_matrix[3][2]   ? 
_atom_sites.Cartn_transf_matrix[3][3]   ? 
_atom_sites.Cartn_transf_vector[1]      ? 
_atom_sites.Cartn_transf_vector[2]      ? 
_atom_sites.Cartn_transf_vector[3]      ? 
_atom_sites.Cartn_transform_axes        ? 
_atom_sites.fract_transf_matrix[1][1]   0.11007482 
_atom_sites.fract_transf_matrix[1][2]   0.13527140 
_atom_sites.fract_transf_matrix[1][3]   -0.11788418 
_atom_sites.fract_transf_matrix[2][1]   0.02418510 
_atom_sites.fract_transf_matrix[2][2]   -0.01968718 
_atom_sites.fract_transf_matrix[2][3]   -0.00000799 
_atom_sites.fract_transf_matrix[3][1]   -0.01993072 
_atom_sites.fract_transf_matrix[3][2]   -0.02445658 
_atom_sites.fract_transf_matrix[3][3]   -0.06822991 
_atom_sites.fract_transf_vector[1]      0.260234 
_atom_sites.fract_transf_vector[2]      0.091975 
_atom_sites.fract_transf_vector[3]      0.345599 
_atom_sites.solution_primary            ? 
_atom_sites.solution_secondary          ? 
_atom_sites.solution_hydrogens          ? 
_atom_sites.special_details             ? 
# 
loop_
_atom_type.symbol 
C 
N 
O 
# 
loop_
_atom_site.group_PDB 
_atom_site.id 
_atom_site.type_symbol 
_atom_site.label_atom_id 
_atom_site.label_alt_id 
_atom_site.label_comp_id 
_atom_site.label_asym_id 
_atom_site.label_entity_id 
_atom_site.label_seq_id 
_atom_site.pdbx_PDB_ins_code 
_atom_site.Cartn_x 
_atom_site.Cartn_y 
_atom_site.Cartn_z 
_atom_site.occupancy 
_atom_site.B_iso_or_equiv 
_atom_site.pdbx_formal_charge 
_atom_site.auth_seq_id 
_atom_site.auth_comp_id 
_atom_site.auth_asym_id 
_atom_site.auth_atom_id 
_atom_site.pdbx_PDB_model_num 
HETATM 1  C C   . A1L4D A 1 1 ? -3.526 4.631  4.285  1.00 1.95 ? 1 A1L4D A C   1 
HETATM 2  O O   . A1L4D A 1 1 ? -4.411 3.794  4.480  1.00 2.23 ? 1 A1L4D A O   1 
HETATM 3  C CA  . A1L4D A 1 1 ? -3.223 5.703  5.331  1.00 2.34 ? 1 A1L4D A CA  1 
HETATM 4  C CB  . A1L4D A 1 1 ? -2.798 5.053  6.647  1.00 2.63 ? 1 A1L4D A CB  1 
HETATM 5  C CG  . A1L4D A 1 1 ? -1.571 4.178  6.552  1.00 2.70 ? 1 A1L4D A CG  1 
HETATM 6  C CD1 . A1L4D A 1 1 ? -1.646 2.880  6.095  1.00 4.08 ? 1 A1L4D A CD1 1 
HETATM 7  C CE1 . A1L4D A 1 1 ? -0.527 2.069  6.026  1.00 4.93 ? 1 A1L4D A CE1 1 
HETATM 8  C CZ  . A1L4D A 1 1 ? 0.693  2.559  6.448  1.00 4.85 ? 1 A1L4D A CZ  1 
HETATM 9  C CE2 . A1L4D A 1 1 ? 0.792  3.861  6.870  1.00 5.41 ? 1 A1L4D A CE2 1 
HETATM 10 C CD2 . A1L4D A 1 1 ? -0.336 4.654  6.914  1.00 4.48 ? 1 A1L4D A CD2 1 
HETATM 11 N N   . A1L4D A 1 1 ? -4.411 6.523  5.542  1.00 2.32 ? 1 A1L4D A N   1 
HETATM 12 C C10 . A1L4D A 1 1 ? -4.356 7.848  5.516  1.00 2.50 ? 1 A1L4D A C10 1 
HETATM 13 O O4  . A1L4D A 1 1 ? -3.329 8.460  5.230  1.00 3.66 ? 1 A1L4D A O4  1 
HETATM 14 C C11 . A1L4D A 1 1 ? -5.587 8.612  5.894  1.00 2.39 ? 1 A1L4D A C11 1 
HETATM 15 C C12 . A1L4D A 1 1 ? -5.424 9.875  6.425  1.00 2.94 ? 1 A1L4D A C12 1 
HETATM 16 C C13 . A1L4D A 1 1 ? -6.527 10.627 6.810  1.00 3.29 ? 1 A1L4D A C13 1 
HETATM 17 C C14 . A1L4D A 1 1 ? -7.779 10.117 6.650  1.00 3.45 ? 1 A1L4D A C14 1 
HETATM 18 C C15 . A1L4D A 1 1 ? -7.949 8.856  6.112  1.00 3.69 ? 1 A1L4D A C15 1 
HETATM 19 C C16 . A1L4D A 1 1 ? -6.865 8.091  5.735  1.00 2.92 ? 1 A1L4D A C16 1 
ATOM   20 N N   . PHE   A 1 2 ? -2.750 4.658  3.213  1.00 1.98 ? 2 PHE   A N   1 
ATOM   21 C CA  . PHE   A 1 2 ? -2.803 3.665  2.150  1.00 2.10 ? 2 PHE   A CA  1 
ATOM   22 C C   . PHE   A 1 2 ? -1.382 3.186  1.886  1.00 2.05 ? 2 PHE   A C   1 
ATOM   23 O O   . PHE   A 1 2 ? -0.500 4.006  1.605  1.00 2.40 ? 2 PHE   A O   1 
ATOM   24 C CB  . PHE   A 1 2 ? -3.367 4.289  0.866  1.00 2.53 ? 2 PHE   A CB  1 
ATOM   25 C CG  . PHE   A 1 2 ? -3.349 3.387  -0.344 1.00 2.64 ? 2 PHE   A CG  1 
ATOM   26 C CD1 . PHE   A 1 2 ? -2.189 3.197  -1.086 1.00 3.17 ? 2 PHE   A CD1 1 
ATOM   27 C CD2 . PHE   A 1 2 ? -4.475 2.729  -0.743 1.00 3.65 ? 2 PHE   A CD2 1 
ATOM   28 C CE1 . PHE   A 1 2 ? -2.195 2.380  -2.200 1.00 3.93 ? 2 PHE   A CE1 1 
ATOM   29 C CE2 . PHE   A 1 2 ? -4.485 1.922  -1.866 1.00 4.38 ? 2 PHE   A CE2 1 
ATOM   30 C CZ  . PHE   A 1 2 ? -3.324 1.751  -2.602 1.00 4.04 ? 2 PHE   A CZ  1 
ATOM   31 N N   . ALA   A 1 3 ? -1.193 1.873  1.917  1.00 2.03 ? 3 ALA   A N   1 
ATOM   32 C CA  . ALA   A 1 3 ? 0.097  1.296  1.557  1.00 2.47 ? 3 ALA   A CA  1 
ATOM   33 C C   . ALA   A 1 3 ? -0.142 0.019  0.770  1.00 2.29 ? 3 ALA   A C   1 
ATOM   34 O O   . ALA   A 1 3 ? -0.943 -0.831 1.183  1.00 3.46 ? 3 ALA   A O   1 
ATOM   35 C CB  . ALA   A 1 3 ? 0.919  0.999  2.779  1.00 3.77 ? 3 ALA   A CB  1 
ATOM   36 N N   . ALA   A 1 4 ? 0.590  -0.147 -0.320 1.00 1.98 ? 4 ALA   A N   1 
ATOM   37 C CA  . ALA   A 1 4 ? 0.419  -1.343 -1.145 1.00 2.33 ? 4 ALA   A CA  1 
ATOM   38 C C   . ALA   A 1 4 ? 1.778  -1.794 -1.684 1.00 2.05 ? 4 ALA   A C   1 
ATOM   39 O O   . ALA   A 1 4 ? 2.591  -0.979 -2.104 1.00 2.41 ? 4 ALA   A O   1 
ATOM   40 C CB  . ALA   A 1 4 ? -0.524 -1.091 -2.296 1.00 3.70 ? 4 ALA   A CB  1 
ATOM   41 N N   . LEU   A 1 5 ? 1.949  -3.114 -1.703 1.00 1.81 ? 5 LEU   A N   1 
ATOM   42 C CA  . LEU   A 1 5 ? 3.110  -3.772 -2.298 1.00 2.01 ? 5 LEU   A CA  1 
ATOM   43 C C   . LEU   A 1 5 ? 2.543  -4.797 -3.275 1.00 1.89 ? 5 LEU   A C   1 
ATOM   44 O O   . LEU   A 1 5 ? 1.795  -5.690 -2.852 1.00 2.42 ? 5 LEU   A O   1 
ATOM   45 C CB  . LEU   A 1 5 ? 3.976  -4.400 -1.228 1.00 2.28 ? 5 LEU   A CB  1 
ATOM   46 C CG  . LEU   A 1 5 ? 5.301  -5.016 -1.684 1.00 2.89 ? 5 LEU   A CG  1 
ATOM   47 C CD1 . LEU   A 1 5 ? 6.143  -5.358 -0.471 1.00 4.36 ? 5 LEU   A CD1 1 
ATOM   48 C CD2 . LEU   A 1 5 ? 5.151  -6.239 -2.555 1.00 4.23 ? 5 LEU   A CD2 1 
ATOM   49 N N   . LEU   A 1 6 ? 2.871  -4.658 -4.554 1.00 1.95 ? 6 LEU   A N   1 
ATOM   50 C CA  . LEU   A 1 6 ? 2.401  -5.549 -5.594 1.00 2.21 ? 6 LEU   A CA  1 
ATOM   51 C C   . LEU   A 1 6 ? 3.618  -6.243 -6.223 1.00 2.44 ? 6 LEU   A C   1 
ATOM   52 O O   . LEU   A 1 6 ? 4.511  -5.569 -6.717 1.00 3.65 ? 6 LEU   A O   1 
ATOM   53 C CB  . LEU   A 1 6 ? 1.645  -4.803 -6.689 1.00 2.57 ? 6 LEU   A CB  1 
ATOM   54 C CG  . LEU   A 1 6 ? 0.227  -4.345 -6.380 1.00 3.79 ? 6 LEU   A CG  1 
ATOM   55 C CD1 . LEU   A 1 6 ? 0.080  -3.485 -5.167 1.00 5.39 ? 6 LEU   A CD1 1 
ATOM   56 C CD2 . LEU   A 1 6 ? -0.376 -3.663 -7.576 1.00 4.01 ? 6 LEU   A CD2 1 
HETATM 57 N N   . NH2   A 1 7 ? 3.588  -7.561 -6.247 1.00 2.97 ? 7 NH2   A N   1 
# 
loop_
_atom_site_anisotrop.id 
_atom_site_anisotrop.type_symbol 
_atom_site_anisotrop.pdbx_label_atom_id 
_atom_site_anisotrop.pdbx_label_alt_id 
_atom_site_anisotrop.pdbx_label_comp_id 
_atom_site_anisotrop.pdbx_label_asym_id 
_atom_site_anisotrop.pdbx_label_seq_id 
_atom_site_anisotrop.pdbx_PDB_ins_code 
_atom_site_anisotrop.U[1][1] 
_atom_site_anisotrop.U[2][2] 
_atom_site_anisotrop.U[3][3] 
_atom_site_anisotrop.U[1][2] 
_atom_site_anisotrop.U[1][3] 
_atom_site_anisotrop.U[2][3] 
_atom_site_anisotrop.pdbx_auth_seq_id 
_atom_site_anisotrop.pdbx_auth_comp_id 
_atom_site_anisotrop.pdbx_auth_asym_id 
_atom_site_anisotrop.pdbx_auth_atom_id 
1  C C   . A1L4D A 1 ? 0.0286 0.0382 0.0070 0.0265 0.0032  0.0034  1 A1L4D A C   
2  O O   . A1L4D A 1 ? 0.0326 0.0389 0.0129 0.0194 0.0079  0.0007  1 A1L4D A O   
3  C CA  . A1L4D A 1 ? 0.0335 0.0428 0.0125 0.0219 0.0065  -0.0039 1 A1L4D A CA  
4  C CB  . A1L4D A 1 ? 0.0347 0.0510 0.0141 0.0242 0.0030  -0.0065 1 A1L4D A CB  
5  C CG  . A1L4D A 1 ? 0.0392 0.0533 0.0100 0.0289 0.0012  -0.0019 1 A1L4D A CG  
6  C CD1 . A1L4D A 1 ? 0.0472 0.0559 0.0518 0.0260 -0.0077 -0.0050 1 A1L4D A CD1 
7  C CE1 . A1L4D A 1 ? 0.0589 0.0598 0.0687 0.0391 -0.0009 -0.0059 1 A1L4D A CE1 
8  C CZ  . A1L4D A 1 ? 0.0475 0.0836 0.0531 0.0450 -0.0060 -0.0008 1 A1L4D A CZ  
9  C CE2 . A1L4D A 1 ? 0.0379 0.1029 0.0648 0.0325 -0.0151 -0.0248 1 A1L4D A CE2 
10 C CD2 . A1L4D A 1 ? 0.0514 0.0710 0.0477 0.0291 -0.0119 -0.0283 1 A1L4D A CD2 
11 N N   . A1L4D A 1 ? 0.0326 0.0380 0.0173 0.0213 0.0081  -0.0044 1 A1L4D A N   
12 C C10 . A1L4D A 1 ? 0.0418 0.0437 0.0093 0.0231 0.0090  0.0018  1 A1L4D A C10 
13 O O4  . A1L4D A 1 ? 0.0486 0.0440 0.0462 0.0248 0.0204  0.0054  1 A1L4D A O4  
14 C C11 . A1L4D A 1 ? 0.0403 0.0431 0.0072 0.0250 0.0048  0.0015  1 A1L4D A C11 
15 C C12 . A1L4D A 1 ? 0.0435 0.0461 0.0218 0.0241 0.0043  -0.0036 1 A1L4D A C12 
16 C C13 . A1L4D A 1 ? 0.0612 0.0495 0.0141 0.0381 0.0051  -0.0043 1 A1L4D A C13 
17 C C14 . A1L4D A 1 ? 0.0445 0.0652 0.0212 0.0448 0.0003  -0.0025 1 A1L4D A C14 
18 C C15 . A1L4D A 1 ? 0.0399 0.0707 0.0294 0.0351 -0.0036 -0.0014 1 A1L4D A C15 
19 C C16 . A1L4D A 1 ? 0.0450 0.0511 0.0145 0.0278 0.0034  0.0005  1 A1L4D A C16 
20 N N   . PHE   A 2 ? 0.0300 0.0335 0.0116 0.0215 0.0067  0.0011  2 PHE   A N   
21 C CA  . PHE   A 2 ? 0.0345 0.0359 0.0092 0.0213 0.0052  -0.0011 2 PHE   A CA  
22 C C   . PHE   A 2 ? 0.0327 0.0380 0.0072 0.0212 0.0044  0.0025  2 PHE   A C   
23 O O   . PHE   A 2 ? 0.0354 0.0382 0.0173 0.0183 0.0133  0.0029  2 PHE   A O   
24 C CB  . PHE   A 2 ? 0.0363 0.0416 0.0179 0.0248 0.0015  0.0036  2 PHE   A CB  
25 C CG  . PHE   A 2 ? 0.0428 0.0448 0.0125 0.0250 -0.0043 0.0048  2 PHE   A CG  
26 C CD1 . PHE   A 2 ? 0.0512 0.0546 0.0146 0.0160 0.0062  -0.0019 2 PHE   A CD1 
27 C CD2 . PHE   A 2 ? 0.0508 0.0621 0.0255 0.0241 -0.0076 0.0016  2 PHE   A CD2 
28 C CE1 . PHE   A 2 ? 0.0695 0.0647 0.0150 0.0169 0.0086  -0.0025 2 PHE   A CE1 
29 C CE2 . PHE   A 2 ? 0.0628 0.0674 0.0361 0.0131 -0.0135 -0.0086 2 PHE   A CE2 
30 C CZ  . PHE   A 2 ? 0.0780 0.0565 0.0188 0.0140 -0.0044 -0.0037 2 PHE   A CZ  
31 N N   . ALA   A 3 ? 0.0307 0.0359 0.0103 0.0221 0.0065  0.0014  3 ALA   A N   
32 C CA  . ALA   A 3 ? 0.0327 0.0402 0.0210 0.0226 0.0122  -0.0010 3 ALA   A CA  
33 C C   . ALA   A 3 ? 0.0347 0.0387 0.0134 0.0251 0.0106  0.0039  3 ALA   A C   
34 O O   . ALA   A 3 ? 0.0614 0.0430 0.0268 0.0075 0.0306  -0.0033 3 ALA   A O   
35 C CB  . ALA   A 3 ? 0.0462 0.0604 0.0365 0.0340 -0.0076 -0.0172 3 ALA   A CB  
36 N N   . ALA   A 4 ? 0.0295 0.0338 0.0119 0.0190 0.0095  0.0034  4 ALA   A N   
37 C CA  . ALA   A 4 ? 0.0363 0.0377 0.0143 0.0198 0.0093  -0.0034 4 ALA   A CA  
38 C C   . ALA   A 4 ? 0.0341 0.0363 0.0073 0.0211 0.0046  0.0015  4 ALA   A C   
39 O O   . ALA   A 4 ? 0.0341 0.0343 0.0230 0.0183 0.0163  0.0015  4 ALA   A O   
40 C CB  . ALA   A 4 ? 0.0389 0.0667 0.0348 0.0336 -0.0043 -0.0163 4 ALA   A CB  
41 N N   . LEU   A 5 ? 0.0273 0.0336 0.0076 0.0183 0.0053  0.0047  5 LEU   A N   
42 C CA  . LEU   A 5 ? 0.0323 0.0358 0.0079 0.0218 0.0057  0.0027  5 LEU   A CA  
43 C C   . LEU   A 5 ? 0.0292 0.0356 0.0066 0.0257 0.0026  0.0028  5 LEU   A C   
44 O O   . LEU   A 5 ? 0.0433 0.0400 0.0085 0.0119 0.0085  0.0005  5 LEU   A O   
45 C CB  . LEU   A 5 ? 0.0361 0.0435 0.0069 0.0208 0.0037  0.0008  5 LEU   A CB  
46 C CG  . LEU   A 5 ? 0.0420 0.0547 0.0130 0.0324 0.0031  0.0044  5 LEU   A CG  
47 C CD1 . LEU   A 5 ? 0.0515 0.0818 0.0322 0.0429 -0.0102 -0.0058 5 LEU   A CD1 
48 C CD2 . LEU   A 5 ? 0.0500 0.0764 0.0342 0.0413 -0.0020 -0.0065 5 LEU   A CD2 
49 N N   . LEU   A 6 ? 0.0320 0.0349 0.0071 0.0184 0.0040  0.0019  6 LEU   A N   
50 C CA  . LEU   A 6 ? 0.0366 0.0397 0.0073 0.0193 0.0029  -0.0021 6 LEU   A CA  
51 C C   . LEU   A 6 ? 0.0399 0.0456 0.0071 0.0229 0.0017  -0.0029 6 LEU   A C   
52 O O   . LEU   A 6 ? 0.0493 0.0555 0.0336 0.0197 0.0194  -0.0002 6 LEU   A O   
53 C CB  . LEU   A 6 ? 0.0424 0.0464 0.0086 0.0197 0.0033  0.0020  6 LEU   A CB  
54 C CG  . LEU   A 6 ? 0.0505 0.0716 0.0219 0.0352 0.0015  0.0018  6 LEU   A CG  
55 C CD1 . LEU   A 6 ? 0.0544 0.1226 0.0276 0.0578 -0.0058 -0.0096 6 LEU   A CD1 
56 C CD2 . LEU   A 6 ? 0.0541 0.0704 0.0277 0.0380 -0.0036 0.0018  6 LEU   A CD2 
57 N N   . NH2   A 7 ? 0.0483 0.0462 0.0183 0.0279 0.0078  -0.0045 7 NH2   A N   
# 
